data_6W0X
#
_entry.id   6W0X
#
_cell.length_a   82.790
_cell.length_b   85.820
_cell.length_c   137.760
_cell.angle_alpha   90.000
_cell.angle_beta   90.000
_cell.angle_gamma   90.000
#
_symmetry.space_group_name_H-M   'P 21 21 21'
#
loop_
_entity.id
_entity.type
_entity.pdbx_description
1 polymer Ketohexokinase
2 non-polymer 6-[(1~{S},5~{R})-6-(hydroxymethyl)-3-azabicyclo[3.1.0]hexan-3-yl]-2-[(2~{S},3~{R})-2-methyl-3-oxidanyl-azetidin-1-yl]-4-(trifluoromethyl)pyridine-3-carbonitrile
3 non-polymer 'SULFATE ION'
4 water water
#
_entity_poly.entity_id   1
_entity_poly.type   'polypeptide(L)'
_entity_poly.pdbx_seq_one_letter_code
;MGSSHHHHHHSSGLVPRGSQILCVGLVVLDVISLVDKYPKEDSEIRCLSQRWQRGGNASNSCTVLSLLGAPCAFMGSMAP
GHVADFLVADFRRRGVDVSQVAWQSKGDTPSSCCIINNSNGNRTIVLHDTSLPDVSATDFEKVDLTQFKWIHIEGRNASE
QVKMLQRIDAHNTRQPPEQKIRVSVEVEKPREELFQLFGYGDVVFVSKDVAKHLGFQSAEEALRGLYGRVRKGAVLVCAW
AEEGADALGPDGKLLHSDAFPPPRVVDTLGAGDTFNASVIFSLSQGRSVQEALRFGCQVAGKKCGLQGFDGIV
;
_entity_poly.pdbx_strand_id   A,B
#
# COMPACT_ATOMS: atom_id res chain seq x y z
N GLY A 18 1.10 -38.42 8.67
CA GLY A 18 -0.22 -38.15 8.12
C GLY A 18 -1.07 -37.20 8.95
N SER A 19 -0.46 -36.14 9.49
CA SER A 19 -1.16 -35.20 10.38
C SER A 19 -1.44 -33.81 9.80
N GLN A 20 -0.62 -33.33 8.86
CA GLN A 20 -0.76 -31.96 8.32
C GLN A 20 -1.52 -31.84 6.99
N ILE A 21 -2.11 -30.66 6.75
CA ILE A 21 -2.76 -30.26 5.48
C ILE A 21 -1.76 -29.29 4.82
N LEU A 22 -1.25 -29.61 3.61
CA LEU A 22 -0.32 -28.75 2.87
C LEU A 22 -1.07 -27.94 1.80
N CYS A 23 -0.83 -26.62 1.73
CA CYS A 23 -1.39 -25.72 0.70
C CYS A 23 -0.24 -25.18 -0.11
N VAL A 24 -0.27 -25.43 -1.44
CA VAL A 24 0.73 -25.00 -2.40
C VAL A 24 0.14 -23.86 -3.23
N GLY A 25 0.76 -22.70 -3.18
CA GLY A 25 0.28 -21.55 -3.93
C GLY A 25 1.01 -20.27 -3.59
N LEU A 26 0.28 -19.14 -3.66
CA LEU A 26 0.86 -17.83 -3.43
C LEU A 26 0.76 -17.29 -2.01
N VAL A 27 1.75 -16.45 -1.66
CA VAL A 27 1.80 -15.62 -0.46
C VAL A 27 2.10 -14.19 -0.93
N VAL A 28 1.15 -13.28 -0.70
CA VAL A 28 1.17 -11.89 -1.18
C VAL A 28 0.91 -10.92 -0.01
N LEU A 29 1.66 -9.80 0.08
CA LEU A 29 1.36 -8.78 1.10
C LEU A 29 0.17 -7.95 0.59
N ASP A 30 -0.95 -7.97 1.31
CA ASP A 30 -2.12 -7.17 0.96
C ASP A 30 -2.10 -5.89 1.75
N VAL A 31 -1.95 -4.79 1.04
CA VAL A 31 -1.95 -3.45 1.59
C VAL A 31 -3.40 -3.00 1.40
N ILE A 32 -4.15 -2.96 2.52
CA ILE A 32 -5.58 -2.71 2.50
C ILE A 32 -5.96 -1.30 2.92
N SER A 33 -6.97 -0.77 2.23
CA SER A 33 -7.58 0.52 2.50
C SER A 33 -9.07 0.29 2.58
N LEU A 34 -9.68 0.75 3.66
CA LEU A 34 -11.12 0.64 3.91
C LEU A 34 -11.73 1.98 3.55
N VAL A 35 -12.67 1.97 2.59
CA VAL A 35 -13.31 3.20 2.07
C VAL A 35 -14.82 3.22 2.30
N ASP A 36 -15.42 4.41 2.46
CA ASP A 36 -16.86 4.52 2.66
C ASP A 36 -17.64 4.16 1.36
N LYS A 37 -17.08 4.58 0.20
CA LYS A 37 -17.59 4.30 -1.14
C LYS A 37 -16.41 4.05 -2.09
N TYR A 38 -16.62 3.22 -3.13
CA TYR A 38 -15.59 2.93 -4.13
C TYR A 38 -15.18 4.22 -4.86
N PRO A 39 -13.87 4.53 -5.03
CA PRO A 39 -13.52 5.79 -5.68
C PRO A 39 -13.83 5.82 -7.17
N LYS A 40 -14.32 6.95 -7.63
CA LYS A 40 -14.58 7.17 -9.04
C LYS A 40 -13.22 7.56 -9.66
N GLU A 41 -12.98 7.15 -10.92
CA GLU A 41 -11.71 7.45 -11.61
C GLU A 41 -11.46 8.95 -11.62
N ASP A 42 -10.20 9.35 -11.36
CA ASP A 42 -9.68 10.73 -11.34
C ASP A 42 -10.10 11.52 -10.08
N SER A 43 -10.57 10.82 -9.05
CA SER A 43 -10.97 11.44 -7.78
C SER A 43 -9.94 11.18 -6.64
N GLU A 44 -10.02 11.99 -5.58
CA GLU A 44 -9.16 11.93 -4.40
C GLU A 44 -10.07 11.73 -3.18
N ILE A 45 -10.16 10.51 -2.68
CA ILE A 45 -10.96 10.17 -1.50
C ILE A 45 -10.06 9.76 -0.35
N ARG A 46 -10.50 9.97 0.90
CA ARG A 46 -9.73 9.56 2.07
C ARG A 46 -10.26 8.26 2.60
N CYS A 47 -9.38 7.32 2.95
CA CYS A 47 -9.83 6.05 3.48
C CYS A 47 -10.11 6.16 4.99
N LEU A 48 -10.97 5.28 5.48
CA LEU A 48 -11.37 5.22 6.88
C LEU A 48 -10.25 4.63 7.73
N SER A 49 -9.65 3.52 7.26
CA SER A 49 -8.57 2.82 7.97
C SER A 49 -7.68 2.03 7.02
N GLN A 50 -6.56 1.54 7.57
CA GLN A 50 -5.53 0.81 6.83
C GLN A 50 -4.92 -0.32 7.60
N ARG A 51 -4.51 -1.39 6.88
CA ARG A 51 -3.81 -2.55 7.43
C ARG A 51 -3.02 -3.33 6.39
N TRP A 52 -2.01 -4.07 6.87
CA TRP A 52 -1.21 -5.01 6.12
C TRP A 52 -1.77 -6.36 6.52
N GLN A 53 -2.05 -7.17 5.54
CA GLN A 53 -2.55 -8.50 5.78
C GLN A 53 -1.74 -9.49 4.93
N ARG A 54 -1.42 -10.66 5.50
CA ARG A 54 -0.78 -11.73 4.72
C ARG A 54 -1.91 -12.32 3.84
N GLY A 55 -1.72 -12.24 2.52
CA GLY A 55 -2.67 -12.62 1.46
C GLY A 55 -2.17 -13.71 0.55
N GLY A 56 -2.87 -13.97 -0.56
CA GLY A 56 -2.60 -15.08 -1.47
C GLY A 56 -3.56 -16.20 -1.16
N ASN A 57 -4.03 -16.97 -2.17
CA ASN A 57 -5.05 -18.03 -1.99
C ASN A 57 -4.63 -19.14 -1.05
N ALA A 58 -3.49 -19.79 -1.34
CA ALA A 58 -2.99 -20.89 -0.51
C ALA A 58 -2.64 -20.40 0.90
N SER A 59 -2.10 -19.18 0.99
CA SER A 59 -1.71 -18.53 2.24
C SER A 59 -2.93 -18.22 3.11
N ASN A 60 -4.02 -17.69 2.52
CA ASN A 60 -5.26 -17.39 3.24
C ASN A 60 -5.91 -18.68 3.74
N SER A 61 -5.91 -19.75 2.92
CA SER A 61 -6.46 -21.06 3.27
C SER A 61 -5.69 -21.66 4.47
N CYS A 62 -4.37 -21.42 4.55
CA CYS A 62 -3.51 -21.82 5.68
C CYS A 62 -3.95 -21.14 6.97
N THR A 63 -4.24 -19.82 6.91
CA THR A 63 -4.75 -19.03 8.04
C THR A 63 -6.04 -19.65 8.57
N VAL A 64 -7.01 -19.91 7.68
CA VAL A 64 -8.31 -20.48 7.99
C VAL A 64 -8.15 -21.91 8.60
N LEU A 65 -7.30 -22.78 7.98
CA LEU A 65 -7.01 -24.11 8.51
C LEU A 65 -6.46 -24.08 9.94
N SER A 66 -5.50 -23.17 10.22
CA SER A 66 -4.93 -23.01 11.56
C SER A 66 -5.99 -22.57 12.56
N LEU A 67 -6.88 -21.63 12.17
CA LEU A 67 -7.94 -21.14 13.04
C LEU A 67 -8.99 -22.20 13.34
N LEU A 68 -9.19 -23.13 12.39
CA LEU A 68 -10.14 -24.24 12.53
C LEU A 68 -9.54 -25.35 13.40
N GLY A 69 -8.24 -25.25 13.71
CA GLY A 69 -7.53 -26.19 14.55
C GLY A 69 -6.78 -27.29 13.83
N ALA A 70 -6.53 -27.12 12.51
CA ALA A 70 -5.81 -28.11 11.72
C ALA A 70 -4.33 -27.79 11.66
N PRO A 71 -3.43 -28.80 11.90
CA PRO A 71 -1.98 -28.55 11.68
C PRO A 71 -1.82 -28.40 10.18
N CYS A 72 -1.17 -27.33 9.75
CA CYS A 72 -1.04 -27.07 8.33
C CYS A 72 0.32 -26.51 7.96
N ALA A 73 0.67 -26.67 6.70
CA ALA A 73 1.93 -26.20 6.16
C ALA A 73 1.69 -25.42 4.89
N PHE A 74 2.55 -24.44 4.63
CA PHE A 74 2.49 -23.63 3.42
C PHE A 74 3.70 -23.89 2.54
N MET A 75 3.43 -24.06 1.25
CA MET A 75 4.50 -24.18 0.26
C MET A 75 4.27 -23.16 -0.83
N GLY A 76 5.21 -22.25 -0.97
CA GLY A 76 5.16 -21.19 -1.95
C GLY A 76 6.50 -20.50 -2.03
N SER A 77 6.66 -19.63 -3.02
CA SER A 77 7.90 -18.88 -3.23
C SER A 77 7.92 -17.56 -2.49
N MET A 78 9.07 -17.24 -1.89
CA MET A 78 9.33 -15.98 -1.19
C MET A 78 10.75 -15.56 -1.48
N ALA A 79 11.01 -14.26 -1.39
CA ALA A 79 12.33 -13.70 -1.56
C ALA A 79 12.75 -13.13 -0.21
N PRO A 80 14.00 -13.38 0.27
CA PRO A 80 14.44 -12.76 1.53
C PRO A 80 14.25 -11.23 1.53
N GLY A 81 13.79 -10.69 2.65
CA GLY A 81 13.56 -9.25 2.79
C GLY A 81 12.61 -8.91 3.91
N HIS A 82 12.30 -7.62 4.06
CA HIS A 82 11.42 -7.15 5.13
C HIS A 82 9.95 -7.54 4.94
N VAL A 83 9.47 -7.60 3.69
CA VAL A 83 8.09 -8.01 3.44
C VAL A 83 7.97 -9.50 3.79
N ALA A 84 8.89 -10.38 3.29
CA ALA A 84 8.93 -11.83 3.64
C ALA A 84 8.97 -12.01 5.15
N ASP A 85 9.71 -11.16 5.90
CA ASP A 85 9.82 -11.22 7.37
C ASP A 85 8.47 -10.98 8.02
N PHE A 86 7.70 -9.98 7.53
CA PHE A 86 6.35 -9.69 8.01
C PHE A 86 5.45 -10.92 7.81
N LEU A 87 5.45 -11.46 6.56
CA LEU A 87 4.68 -12.61 6.15
C LEU A 87 5.06 -13.86 6.98
N VAL A 88 6.39 -14.16 7.11
CA VAL A 88 6.93 -15.29 7.89
C VAL A 88 6.48 -15.19 9.34
N ALA A 89 6.64 -14.00 9.98
CA ALA A 89 6.23 -13.77 11.36
C ALA A 89 4.72 -13.94 11.51
N ASP A 90 3.94 -13.55 10.50
CA ASP A 90 2.48 -13.72 10.52
C ASP A 90 2.07 -15.21 10.40
N PHE A 91 2.71 -15.95 9.47
CA PHE A 91 2.51 -17.39 9.31
C PHE A 91 2.86 -18.10 10.66
N ARG A 92 4.04 -17.74 11.25
CA ARG A 92 4.52 -18.30 12.53
C ARG A 92 3.59 -17.97 13.70
N ARG A 93 3.02 -16.73 13.75
CA ARG A 93 2.06 -16.25 14.75
C ARG A 93 0.79 -17.13 14.70
N ARG A 94 0.47 -17.62 13.48
CA ARG A 94 -0.71 -18.45 13.23
C ARG A 94 -0.47 -19.95 13.46
N GLY A 95 0.78 -20.34 13.61
CA GLY A 95 1.19 -21.71 13.80
C GLY A 95 1.29 -22.47 12.49
N VAL A 96 1.42 -21.73 11.35
CA VAL A 96 1.56 -22.31 10.01
C VAL A 96 3.03 -22.71 9.83
N ASP A 97 3.24 -23.98 9.48
CA ASP A 97 4.57 -24.57 9.23
C ASP A 97 5.05 -23.95 7.92
N VAL A 98 6.25 -23.36 7.95
CA VAL A 98 6.82 -22.64 6.81
C VAL A 98 8.16 -23.28 6.28
N SER A 99 8.49 -24.49 6.77
CA SER A 99 9.72 -25.23 6.41
C SER A 99 9.87 -25.59 4.92
N GLN A 100 8.74 -25.64 4.18
CA GLN A 100 8.66 -26.01 2.77
C GLN A 100 8.72 -24.81 1.80
N VAL A 101 8.79 -23.56 2.34
CA VAL A 101 8.88 -22.33 1.52
C VAL A 101 10.07 -22.41 0.53
N ALA A 102 9.80 -22.12 -0.75
CA ALA A 102 10.84 -22.11 -1.78
C ALA A 102 11.45 -20.71 -1.81
N TRP A 103 12.54 -20.52 -1.06
CA TRP A 103 13.25 -19.24 -1.03
C TRP A 103 13.93 -18.98 -2.36
N GLN A 104 13.73 -17.77 -2.90
CA GLN A 104 14.27 -17.36 -4.19
C GLN A 104 15.43 -16.38 -4.02
N SER A 105 16.31 -16.28 -5.04
CA SER A 105 17.46 -15.38 -5.04
C SER A 105 17.21 -14.14 -5.94
N LYS A 106 16.15 -14.22 -6.78
CA LYS A 106 15.76 -13.20 -7.76
C LYS A 106 14.25 -12.90 -7.70
N GLY A 107 13.91 -11.61 -7.76
CA GLY A 107 12.53 -11.10 -7.71
C GLY A 107 12.12 -10.68 -6.31
N ASP A 108 11.10 -9.80 -6.19
CA ASP A 108 10.59 -9.34 -4.89
C ASP A 108 9.37 -10.17 -4.50
N THR A 109 8.88 -10.08 -3.25
CA THR A 109 7.68 -10.82 -2.93
C THR A 109 6.49 -10.03 -3.52
N PRO A 110 5.46 -10.70 -4.07
CA PRO A 110 4.34 -9.94 -4.64
C PRO A 110 3.60 -9.17 -3.57
N SER A 111 3.03 -8.03 -3.96
CA SER A 111 2.24 -7.19 -3.07
C SER A 111 1.05 -6.73 -3.84
N SER A 112 0.04 -6.28 -3.14
CA SER A 112 -1.14 -5.80 -3.83
C SER A 112 -1.86 -4.74 -3.05
N CYS A 113 -2.49 -3.83 -3.78
CA CYS A 113 -3.34 -2.82 -3.19
C CYS A 113 -4.79 -3.29 -3.20
N CYS A 114 -5.37 -3.46 -2.01
CA CYS A 114 -6.75 -3.89 -1.86
C CYS A 114 -7.59 -2.76 -1.31
N ILE A 115 -8.68 -2.44 -2.03
CA ILE A 115 -9.65 -1.43 -1.64
C ILE A 115 -10.89 -2.17 -1.18
N ILE A 116 -11.24 -2.01 0.09
CA ILE A 116 -12.40 -2.68 0.68
C ILE A 116 -13.49 -1.65 0.91
N ASN A 117 -14.65 -1.85 0.27
CA ASN A 117 -15.77 -0.92 0.42
C ASN A 117 -16.51 -1.28 1.70
N ASN A 118 -16.50 -0.38 2.69
CA ASN A 118 -17.14 -0.58 3.98
C ASN A 118 -18.67 -0.68 3.93
N SER A 119 -19.31 -0.09 2.89
CA SER A 119 -20.76 -0.13 2.78
C SER A 119 -21.33 -1.48 2.26
N ASN A 120 -20.50 -2.36 1.64
CA ASN A 120 -20.98 -3.63 1.10
C ASN A 120 -19.96 -4.80 1.12
N GLY A 121 -18.77 -4.50 1.63
CA GLY A 121 -17.67 -5.46 1.74
C GLY A 121 -16.97 -5.82 0.46
N ASN A 122 -17.34 -5.20 -0.67
CA ASN A 122 -16.68 -5.45 -1.96
C ASN A 122 -15.19 -5.18 -1.89
N ARG A 123 -14.44 -6.02 -2.54
CA ARG A 123 -13.00 -5.93 -2.50
C ARG A 123 -12.47 -5.83 -3.91
N THR A 124 -11.64 -4.85 -4.17
CA THR A 124 -11.03 -4.60 -5.46
C THR A 124 -9.53 -4.73 -5.25
N ILE A 125 -8.86 -5.51 -6.10
CA ILE A 125 -7.43 -5.78 -5.96
C ILE A 125 -6.62 -5.39 -7.16
N VAL A 126 -5.55 -4.63 -6.93
CA VAL A 126 -4.57 -4.23 -7.94
C VAL A 126 -3.35 -5.03 -7.51
N LEU A 127 -3.09 -6.10 -8.24
CA LEU A 127 -2.00 -6.98 -7.89
C LEU A 127 -0.75 -6.65 -8.65
N HIS A 128 0.38 -6.67 -7.92
CA HIS A 128 1.69 -6.47 -8.48
C HIS A 128 2.39 -7.81 -8.48
N ASP A 129 2.51 -8.40 -9.68
CA ASP A 129 3.20 -9.68 -9.80
C ASP A 129 4.63 -9.40 -10.20
N THR A 130 5.51 -9.61 -9.21
CA THR A 130 6.96 -9.39 -9.24
C THR A 130 7.69 -10.40 -10.12
N SER A 131 6.94 -11.39 -10.64
CA SER A 131 7.42 -12.47 -11.48
C SER A 131 8.58 -13.26 -10.80
N LEU A 132 8.30 -13.67 -9.53
CA LEU A 132 9.12 -14.51 -8.67
C LEU A 132 8.99 -15.90 -9.30
N PRO A 133 10.06 -16.73 -9.35
CA PRO A 133 9.88 -18.08 -9.91
C PRO A 133 8.88 -18.86 -9.05
N ASP A 134 7.98 -19.58 -9.71
CA ASP A 134 6.96 -20.39 -9.04
C ASP A 134 7.58 -21.66 -8.47
N VAL A 135 6.87 -22.32 -7.54
CA VAL A 135 7.30 -23.60 -6.97
C VAL A 135 7.35 -24.60 -8.14
N SER A 136 8.49 -25.28 -8.31
CA SER A 136 8.66 -26.22 -9.40
C SER A 136 8.45 -27.68 -8.95
N ALA A 137 8.35 -28.61 -9.91
CA ALA A 137 8.18 -30.04 -9.66
C ALA A 137 9.45 -30.59 -8.98
N THR A 138 10.61 -29.94 -9.25
CA THR A 138 11.90 -30.30 -8.63
C THR A 138 11.89 -29.85 -7.16
N ASP A 139 11.34 -28.66 -6.86
CA ASP A 139 11.17 -28.15 -5.50
C ASP A 139 10.25 -29.12 -4.72
N PHE A 140 9.11 -29.49 -5.32
CA PHE A 140 8.14 -30.42 -4.74
C PHE A 140 8.69 -31.85 -4.50
N GLU A 141 9.61 -32.32 -5.36
CA GLU A 141 10.23 -33.65 -5.24
C GLU A 141 11.03 -33.80 -3.93
N LYS A 142 11.59 -32.68 -3.41
CA LYS A 142 12.40 -32.63 -2.18
C LYS A 142 11.53 -32.54 -0.91
N VAL A 143 10.22 -32.76 -1.05
CA VAL A 143 9.27 -32.69 0.08
C VAL A 143 8.87 -34.09 0.54
N ASP A 144 8.96 -34.32 1.87
CA ASP A 144 8.60 -35.56 2.57
C ASP A 144 7.10 -35.61 2.71
N LEU A 145 6.47 -36.39 1.84
CA LEU A 145 5.02 -36.48 1.79
C LEU A 145 4.36 -37.19 2.97
N THR A 146 5.09 -38.02 3.75
CA THR A 146 4.55 -38.81 4.86
C THR A 146 3.83 -38.00 5.95
N GLN A 147 4.27 -36.76 6.23
CA GLN A 147 3.64 -35.93 7.25
C GLN A 147 2.28 -35.31 6.84
N PHE A 148 1.89 -35.43 5.55
CA PHE A 148 0.64 -34.84 5.03
C PHE A 148 -0.48 -35.84 4.83
N LYS A 149 -1.69 -35.47 5.26
CA LYS A 149 -2.92 -36.26 5.08
C LYS A 149 -3.71 -35.72 3.89
N TRP A 150 -3.48 -34.43 3.57
CA TRP A 150 -4.18 -33.67 2.51
C TRP A 150 -3.20 -32.68 1.87
N ILE A 151 -3.20 -32.59 0.54
CA ILE A 151 -2.38 -31.62 -0.20
C ILE A 151 -3.32 -30.85 -1.12
N HIS A 152 -3.42 -29.53 -0.91
CA HIS A 152 -4.22 -28.63 -1.73
C HIS A 152 -3.30 -27.80 -2.62
N ILE A 153 -3.56 -27.81 -3.93
CA ILE A 153 -2.78 -27.04 -4.90
C ILE A 153 -3.62 -25.95 -5.55
N GLU A 154 -3.17 -24.68 -5.37
CA GLU A 154 -3.75 -23.50 -6.01
C GLU A 154 -3.14 -23.48 -7.43
N GLY A 155 -4.00 -23.65 -8.46
CA GLY A 155 -3.59 -23.67 -9.86
C GLY A 155 -2.90 -22.39 -10.31
N ARG A 156 -1.59 -22.51 -10.68
CA ARG A 156 -0.79 -21.37 -11.17
C ARG A 156 0.05 -21.77 -12.39
N ASN A 157 1.16 -22.52 -12.18
CA ASN A 157 2.07 -23.05 -13.21
C ASN A 157 1.68 -24.51 -13.47
N ALA A 158 0.57 -24.69 -14.22
CA ALA A 158 -0.14 -25.94 -14.50
C ALA A 158 0.74 -27.13 -14.92
N SER A 159 1.57 -26.98 -15.97
CA SER A 159 2.45 -28.06 -16.45
C SER A 159 3.42 -28.58 -15.38
N GLU A 160 3.90 -27.69 -14.52
CA GLU A 160 4.81 -28.00 -13.42
C GLU A 160 4.06 -28.64 -12.24
N GLN A 161 2.81 -28.18 -11.97
CA GLN A 161 1.90 -28.68 -10.94
C GLN A 161 1.35 -30.06 -11.29
N VAL A 162 1.16 -30.37 -12.60
CA VAL A 162 0.71 -31.69 -13.07
C VAL A 162 1.73 -32.75 -12.64
N LYS A 163 3.04 -32.44 -12.74
CA LYS A 163 4.12 -33.32 -12.31
C LYS A 163 4.11 -33.53 -10.78
N MET A 164 3.72 -32.47 -10.00
CA MET A 164 3.58 -32.55 -8.53
C MET A 164 2.43 -33.52 -8.19
N LEU A 165 1.31 -33.39 -8.91
CA LEU A 165 0.13 -34.22 -8.75
C LEU A 165 0.43 -35.67 -9.16
N GLN A 166 1.20 -35.87 -10.24
CA GLN A 166 1.65 -37.19 -10.68
C GLN A 166 2.54 -37.86 -9.63
N ARG A 167 3.36 -37.05 -8.89
CA ARG A 167 4.21 -37.55 -7.79
C ARG A 167 3.35 -38.05 -6.61
N ILE A 168 2.30 -37.28 -6.22
CA ILE A 168 1.37 -37.67 -5.14
C ILE A 168 0.63 -38.96 -5.55
N ASP A 169 0.20 -39.07 -6.82
CA ASP A 169 -0.46 -40.30 -7.29
C ASP A 169 0.47 -41.49 -7.18
N ALA A 170 1.75 -41.34 -7.57
CA ALA A 170 2.76 -42.41 -7.46
C ALA A 170 2.93 -42.87 -6.01
N HIS A 171 2.97 -41.92 -5.04
CA HIS A 171 3.10 -42.20 -3.61
C HIS A 171 1.90 -43.02 -3.09
N ASN A 172 0.66 -42.58 -3.41
CA ASN A 172 -0.60 -43.22 -3.00
C ASN A 172 -0.75 -44.63 -3.51
N THR A 173 -0.20 -44.89 -4.71
CA THR A 173 -0.15 -46.18 -5.38
C THR A 173 0.54 -47.21 -4.47
N ARG A 174 1.62 -46.77 -3.80
CA ARG A 174 2.47 -47.55 -2.90
C ARG A 174 2.03 -47.46 -1.42
N GLN A 175 0.76 -47.06 -1.14
CA GLN A 175 0.25 -46.91 0.23
C GLN A 175 -1.12 -47.58 0.45
N PRO A 176 -1.37 -48.18 1.66
CA PRO A 176 -2.72 -48.76 1.93
C PRO A 176 -3.81 -47.68 1.91
N PRO A 177 -5.08 -48.01 1.53
CA PRO A 177 -6.12 -46.97 1.43
C PRO A 177 -6.27 -45.97 2.59
N GLU A 178 -5.93 -46.37 3.84
CA GLU A 178 -6.05 -45.47 5.00
C GLU A 178 -4.87 -44.49 5.11
N GLN A 179 -3.74 -44.77 4.42
CA GLN A 179 -2.53 -43.94 4.43
C GLN A 179 -2.36 -43.10 3.14
N LYS A 180 -3.40 -43.09 2.28
CA LYS A 180 -3.42 -42.34 1.03
C LYS A 180 -3.67 -40.85 1.30
N ILE A 181 -2.85 -39.99 0.69
CA ILE A 181 -2.93 -38.54 0.81
C ILE A 181 -4.06 -38.05 -0.09
N ARG A 182 -5.04 -37.34 0.50
CA ARG A 182 -6.15 -36.74 -0.24
C ARG A 182 -5.65 -35.46 -0.95
N VAL A 183 -6.18 -35.22 -2.15
CA VAL A 183 -5.74 -34.10 -2.99
C VAL A 183 -6.88 -33.21 -3.42
N SER A 184 -6.68 -31.90 -3.33
CA SER A 184 -7.61 -30.92 -3.86
C SER A 184 -6.87 -29.95 -4.76
N VAL A 185 -7.58 -29.46 -5.76
CA VAL A 185 -7.05 -28.56 -6.78
C VAL A 185 -8.01 -27.36 -6.88
N GLU A 186 -7.47 -26.14 -7.03
CA GLU A 186 -8.31 -24.97 -7.26
C GLU A 186 -7.97 -24.37 -8.63
N VAL A 187 -9.01 -24.22 -9.49
CA VAL A 187 -8.93 -23.56 -10.79
C VAL A 187 -9.75 -22.28 -10.57
N GLU A 188 -9.06 -21.17 -10.25
CA GLU A 188 -9.67 -19.88 -9.93
C GLU A 188 -9.51 -18.83 -11.05
N LYS A 189 -8.49 -18.98 -11.90
CA LYS A 189 -8.24 -18.03 -12.99
C LYS A 189 -8.74 -18.55 -14.33
N PRO A 190 -9.40 -17.71 -15.16
CA PRO A 190 -9.88 -18.21 -16.46
C PRO A 190 -8.76 -18.29 -17.52
N ARG A 191 -7.79 -19.16 -17.23
CA ARG A 191 -6.59 -19.45 -18.02
C ARG A 191 -6.69 -20.89 -18.56
N GLU A 192 -6.62 -21.04 -19.89
CA GLU A 192 -6.67 -22.34 -20.58
C GLU A 192 -5.68 -23.40 -20.04
N GLU A 193 -4.43 -22.98 -19.73
CA GLU A 193 -3.34 -23.80 -19.20
C GLU A 193 -3.78 -24.56 -17.93
N LEU A 194 -4.58 -23.89 -17.06
CA LEU A 194 -5.10 -24.41 -15.80
C LEU A 194 -6.14 -25.51 -15.95
N PHE A 195 -6.88 -25.54 -17.08
CA PHE A 195 -8.00 -26.47 -17.28
C PHE A 195 -7.56 -27.95 -17.33
N GLN A 196 -6.26 -28.21 -17.52
CA GLN A 196 -5.75 -29.59 -17.47
C GLN A 196 -5.74 -30.11 -16.02
N LEU A 197 -5.82 -29.18 -15.02
CA LEU A 197 -5.81 -29.53 -13.60
C LEU A 197 -7.14 -30.14 -13.12
N PHE A 198 -8.22 -30.05 -13.95
CA PHE A 198 -9.52 -30.64 -13.64
C PHE A 198 -9.42 -32.16 -13.48
N GLY A 199 -8.49 -32.78 -14.23
CA GLY A 199 -8.24 -34.22 -14.23
C GLY A 199 -7.42 -34.75 -13.07
N TYR A 200 -7.10 -33.91 -12.10
CA TYR A 200 -6.30 -34.26 -10.93
C TYR A 200 -7.04 -33.91 -9.65
N GLY A 201 -6.76 -34.66 -8.59
CA GLY A 201 -7.37 -34.43 -7.29
C GLY A 201 -8.70 -35.12 -7.05
N ASP A 202 -8.92 -35.47 -5.79
CA ASP A 202 -10.14 -36.08 -5.30
C ASP A 202 -11.25 -35.02 -5.23
N VAL A 203 -10.85 -33.73 -5.00
CA VAL A 203 -11.73 -32.57 -4.89
C VAL A 203 -11.22 -31.48 -5.81
N VAL A 204 -12.07 -31.02 -6.72
CA VAL A 204 -11.72 -29.94 -7.66
C VAL A 204 -12.62 -28.76 -7.36
N PHE A 205 -12.02 -27.61 -7.05
CA PHE A 205 -12.74 -26.37 -6.81
C PHE A 205 -12.63 -25.51 -8.09
N VAL A 206 -13.79 -25.13 -8.66
CA VAL A 206 -13.85 -24.27 -9.84
C VAL A 206 -14.54 -22.97 -9.44
N SER A 207 -13.91 -21.83 -9.71
CA SER A 207 -14.51 -20.56 -9.32
C SER A 207 -15.68 -20.16 -10.21
N LYS A 208 -16.55 -19.25 -9.69
CA LYS A 208 -17.68 -18.66 -10.41
C LYS A 208 -17.17 -17.93 -11.69
N ASP A 209 -16.02 -17.20 -11.59
CA ASP A 209 -15.39 -16.47 -12.70
C ASP A 209 -14.98 -17.41 -13.82
N VAL A 210 -14.39 -18.57 -13.46
CA VAL A 210 -14.00 -19.58 -14.44
C VAL A 210 -15.26 -20.13 -15.10
N ALA A 211 -16.27 -20.52 -14.30
CA ALA A 211 -17.54 -21.05 -14.82
C ALA A 211 -18.21 -20.11 -15.83
N LYS A 212 -18.33 -18.81 -15.49
CA LYS A 212 -18.93 -17.78 -16.34
C LYS A 212 -18.15 -17.57 -17.65
N HIS A 213 -16.79 -17.60 -17.58
CA HIS A 213 -15.91 -17.47 -18.74
C HIS A 213 -16.06 -18.65 -19.70
N LEU A 214 -16.49 -19.83 -19.19
CA LEU A 214 -16.75 -21.02 -19.99
C LEU A 214 -18.22 -21.04 -20.47
N GLY A 215 -18.95 -19.95 -20.21
CA GLY A 215 -20.34 -19.75 -20.62
C GLY A 215 -21.44 -20.22 -19.68
N PHE A 216 -21.07 -20.74 -18.47
CA PHE A 216 -22.04 -21.25 -17.48
C PHE A 216 -22.64 -20.14 -16.66
N GLN A 217 -23.98 -20.15 -16.52
CA GLN A 217 -24.72 -19.09 -15.84
C GLN A 217 -25.11 -19.40 -14.38
N SER A 218 -24.77 -20.59 -13.89
CA SER A 218 -25.05 -21.04 -12.52
C SER A 218 -24.08 -22.14 -12.14
N ALA A 219 -24.01 -22.47 -10.84
CA ALA A 219 -23.14 -23.51 -10.32
C ALA A 219 -23.63 -24.88 -10.79
N GLU A 220 -24.96 -25.10 -10.87
CA GLU A 220 -25.50 -26.37 -11.35
C GLU A 220 -25.13 -26.61 -12.83
N GLU A 221 -25.19 -25.55 -13.70
CA GLU A 221 -24.80 -25.60 -15.11
C GLU A 221 -23.30 -25.91 -15.21
N ALA A 222 -22.48 -25.22 -14.39
CA ALA A 222 -21.04 -25.39 -14.35
C ALA A 222 -20.66 -26.82 -14.02
N LEU A 223 -21.25 -27.38 -12.92
CA LEU A 223 -20.97 -28.73 -12.46
C LEU A 223 -21.36 -29.83 -13.47
N ARG A 224 -22.54 -29.71 -14.11
CA ARG A 224 -22.98 -30.67 -15.11
C ARG A 224 -22.15 -30.57 -16.38
N GLY A 225 -21.77 -29.35 -16.76
CA GLY A 225 -20.96 -29.09 -17.94
C GLY A 225 -19.49 -29.45 -17.84
N LEU A 226 -18.92 -29.46 -16.60
CA LEU A 226 -17.49 -29.74 -16.39
C LEU A 226 -17.17 -31.08 -15.74
N TYR A 227 -18.17 -31.82 -15.20
CA TYR A 227 -17.89 -33.09 -14.51
C TYR A 227 -17.12 -34.11 -15.37
N GLY A 228 -17.40 -34.15 -16.68
CA GLY A 228 -16.69 -35.02 -17.61
C GLY A 228 -15.18 -34.82 -17.67
N ARG A 229 -14.69 -33.66 -17.17
CA ARG A 229 -13.25 -33.31 -17.16
C ARG A 229 -12.48 -33.81 -15.91
N VAL A 230 -13.19 -34.22 -14.84
CA VAL A 230 -12.56 -34.67 -13.59
C VAL A 230 -12.20 -36.15 -13.65
N ARG A 231 -11.26 -36.61 -12.78
CA ARG A 231 -10.87 -38.02 -12.74
C ARG A 231 -11.96 -38.86 -12.05
N LYS A 232 -11.99 -40.18 -12.34
CA LYS A 232 -12.96 -41.13 -11.79
C LYS A 232 -13.02 -41.00 -10.25
N GLY A 233 -14.24 -40.87 -9.72
CA GLY A 233 -14.47 -40.74 -8.28
C GLY A 233 -14.31 -39.35 -7.67
N ALA A 234 -13.83 -38.35 -8.44
CA ALA A 234 -13.65 -36.99 -7.91
C ALA A 234 -14.94 -36.23 -7.66
N VAL A 235 -14.87 -35.24 -6.76
CA VAL A 235 -15.97 -34.34 -6.41
C VAL A 235 -15.64 -32.97 -6.99
N LEU A 236 -16.53 -32.42 -7.82
CA LEU A 236 -16.37 -31.09 -8.41
C LEU A 236 -17.21 -30.10 -7.58
N VAL A 237 -16.57 -29.01 -7.12
CA VAL A 237 -17.17 -28.00 -6.24
C VAL A 237 -17.19 -26.62 -6.90
N CYS A 238 -18.33 -25.94 -6.84
CA CYS A 238 -18.49 -24.57 -7.35
C CYS A 238 -19.32 -23.69 -6.41
N ALA A 239 -18.65 -22.70 -5.76
CA ALA A 239 -19.26 -21.67 -4.91
C ALA A 239 -19.73 -20.53 -5.82
N TRP A 240 -20.97 -20.10 -5.65
CA TRP A 240 -21.55 -19.04 -6.46
C TRP A 240 -21.88 -17.83 -5.60
N ALA A 241 -20.91 -17.42 -4.77
CA ALA A 241 -20.96 -16.27 -3.88
C ALA A 241 -22.18 -16.30 -2.96
N GLU A 242 -23.02 -15.24 -2.90
CA GLU A 242 -24.18 -15.20 -2.02
C GLU A 242 -25.33 -16.12 -2.47
N GLU A 243 -25.16 -16.82 -3.60
CA GLU A 243 -26.16 -17.81 -4.02
C GLU A 243 -25.86 -19.20 -3.47
N GLY A 244 -24.81 -19.31 -2.67
CA GLY A 244 -24.40 -20.57 -2.08
C GLY A 244 -23.53 -21.39 -3.00
N ALA A 245 -23.28 -22.61 -2.61
CA ALA A 245 -22.36 -23.47 -3.31
C ALA A 245 -22.95 -24.82 -3.64
N ASP A 246 -22.43 -25.46 -4.69
CA ASP A 246 -22.85 -26.77 -5.16
C ASP A 246 -21.67 -27.72 -5.28
N ALA A 247 -21.97 -29.02 -5.21
CA ALA A 247 -20.99 -30.08 -5.38
C ALA A 247 -21.63 -31.20 -6.17
N LEU A 248 -20.79 -31.91 -6.93
CA LEU A 248 -21.19 -33.05 -7.75
C LEU A 248 -20.09 -34.11 -7.69
N GLY A 249 -20.48 -35.29 -7.23
CA GLY A 249 -19.62 -36.46 -7.13
C GLY A 249 -19.98 -37.56 -8.13
N PRO A 250 -19.29 -38.73 -8.04
CA PRO A 250 -19.53 -39.83 -9.00
C PRO A 250 -20.95 -40.42 -9.05
N ASP A 251 -21.75 -40.24 -7.98
CA ASP A 251 -23.14 -40.74 -7.93
C ASP A 251 -24.15 -39.90 -8.78
N GLY A 252 -23.67 -38.81 -9.38
CA GLY A 252 -24.48 -37.94 -10.22
C GLY A 252 -25.48 -37.06 -9.50
N LYS A 253 -25.45 -37.05 -8.16
CA LYS A 253 -26.35 -36.24 -7.36
C LYS A 253 -25.80 -34.84 -7.07
N LEU A 254 -26.51 -33.82 -7.55
CA LEU A 254 -26.16 -32.43 -7.28
C LEU A 254 -26.47 -32.11 -5.81
N LEU A 255 -25.48 -31.58 -5.13
CA LEU A 255 -25.59 -31.15 -3.73
C LEU A 255 -25.52 -29.65 -3.70
N HIS A 256 -26.31 -29.02 -2.84
CA HIS A 256 -26.33 -27.57 -2.70
C HIS A 256 -26.33 -27.16 -1.22
N SER A 257 -25.74 -26.00 -0.96
CA SER A 257 -25.82 -25.35 0.33
C SER A 257 -26.17 -23.88 0.08
N ASP A 258 -27.16 -23.33 0.82
CA ASP A 258 -27.41 -21.89 0.75
C ASP A 258 -26.22 -21.22 1.43
N ALA A 259 -25.99 -19.94 1.09
CA ALA A 259 -24.95 -19.14 1.71
C ALA A 259 -25.40 -18.82 3.18
N PHE A 260 -24.48 -18.31 4.01
CA PHE A 260 -24.79 -17.85 5.38
C PHE A 260 -24.41 -16.33 5.43
N PRO A 261 -25.07 -15.44 4.63
CA PRO A 261 -24.64 -14.03 4.64
C PRO A 261 -24.76 -13.40 6.02
N PRO A 262 -23.77 -12.61 6.46
CA PRO A 262 -23.95 -11.88 7.75
C PRO A 262 -24.98 -10.73 7.51
N PRO A 263 -25.70 -10.20 8.52
CA PRO A 263 -26.61 -9.07 8.24
C PRO A 263 -25.92 -7.88 7.59
N ARG A 264 -24.65 -7.64 7.95
CA ARG A 264 -23.78 -6.64 7.35
C ARG A 264 -22.48 -7.26 6.84
N VAL A 265 -22.32 -7.26 5.51
CA VAL A 265 -21.15 -7.74 4.78
C VAL A 265 -20.16 -6.52 4.82
N VAL A 266 -18.98 -6.70 5.45
CA VAL A 266 -17.99 -5.65 5.65
C VAL A 266 -16.62 -5.92 4.94
N ASP A 267 -16.27 -7.21 4.71
CA ASP A 267 -14.98 -7.57 4.09
C ASP A 267 -15.07 -8.96 3.47
N THR A 268 -15.07 -8.99 2.15
CA THR A 268 -15.16 -10.21 1.35
C THR A 268 -13.80 -10.71 0.88
N LEU A 269 -12.72 -9.97 1.15
CA LEU A 269 -11.36 -10.38 0.74
C LEU A 269 -10.97 -11.70 1.45
N GLY A 270 -10.78 -12.75 0.66
CA GLY A 270 -10.45 -14.08 1.16
C GLY A 270 -11.63 -14.99 1.48
N ALA A 271 -12.84 -14.59 1.10
CA ALA A 271 -14.08 -15.38 1.30
C ALA A 271 -14.03 -16.75 0.59
N GLY A 272 -13.56 -16.76 -0.67
CA GLY A 272 -13.38 -17.98 -1.47
C GLY A 272 -12.38 -18.92 -0.84
N ASP A 273 -11.26 -18.38 -0.32
CA ASP A 273 -10.21 -19.14 0.34
C ASP A 273 -10.69 -19.73 1.66
N THR A 274 -11.57 -19.00 2.37
CA THR A 274 -12.20 -19.40 3.63
C THR A 274 -13.08 -20.62 3.35
N PHE A 275 -13.88 -20.53 2.26
CA PHE A 275 -14.74 -21.61 1.79
C PHE A 275 -13.87 -22.86 1.44
N ASN A 276 -12.81 -22.69 0.61
CA ASN A 276 -11.97 -23.82 0.22
C ASN A 276 -11.36 -24.55 1.41
N ALA A 277 -10.75 -23.80 2.35
CA ALA A 277 -10.11 -24.32 3.56
C ALA A 277 -11.11 -25.05 4.44
N SER A 278 -12.31 -24.50 4.58
CA SER A 278 -13.39 -25.08 5.40
C SER A 278 -13.95 -26.36 4.79
N VAL A 279 -14.11 -26.40 3.44
CA VAL A 279 -14.54 -27.63 2.75
C VAL A 279 -13.49 -28.72 2.95
N ILE A 280 -12.20 -28.38 2.71
CA ILE A 280 -11.05 -29.27 2.89
C ILE A 280 -11.01 -29.76 4.35
N PHE A 281 -11.15 -28.84 5.32
CA PHE A 281 -11.12 -29.20 6.73
C PHE A 281 -12.22 -30.19 7.11
N SER A 282 -13.45 -29.87 6.71
CA SER A 282 -14.60 -30.71 6.98
C SER A 282 -14.45 -32.12 6.32
N LEU A 283 -13.96 -32.19 5.05
CA LEU A 283 -13.74 -33.49 4.39
C LEU A 283 -12.62 -34.29 5.04
N SER A 284 -11.54 -33.61 5.47
CA SER A 284 -10.41 -34.23 6.16
C SER A 284 -10.84 -34.81 7.53
N GLN A 285 -11.93 -34.28 8.12
CA GLN A 285 -12.47 -34.74 9.40
C GLN A 285 -13.48 -35.90 9.25
N GLY A 286 -13.64 -36.41 8.02
CA GLY A 286 -14.54 -37.52 7.72
C GLY A 286 -15.99 -37.14 7.46
N ARG A 287 -16.30 -35.85 7.43
CA ARG A 287 -17.69 -35.40 7.19
C ARG A 287 -18.08 -35.59 5.74
N SER A 288 -19.40 -35.72 5.48
CA SER A 288 -19.92 -35.91 4.14
C SER A 288 -19.69 -34.65 3.26
N VAL A 289 -19.82 -34.80 1.92
CA VAL A 289 -19.69 -33.69 0.97
C VAL A 289 -20.78 -32.64 1.28
N GLN A 290 -22.01 -33.09 1.54
CA GLN A 290 -23.12 -32.19 1.87
C GLN A 290 -22.79 -31.35 3.12
N GLU A 291 -22.26 -31.99 4.19
CA GLU A 291 -21.89 -31.30 5.43
C GLU A 291 -20.74 -30.32 5.20
N ALA A 292 -19.73 -30.73 4.41
CA ALA A 292 -18.55 -29.92 4.07
C ALA A 292 -18.94 -28.67 3.27
N LEU A 293 -19.91 -28.80 2.34
CA LEU A 293 -20.45 -27.70 1.55
C LEU A 293 -21.06 -26.64 2.48
N ARG A 294 -21.95 -27.08 3.39
CA ARG A 294 -22.65 -26.27 4.38
C ARG A 294 -21.67 -25.57 5.31
N PHE A 295 -20.66 -26.32 5.83
CA PHE A 295 -19.63 -25.77 6.71
C PHE A 295 -18.81 -24.69 5.96
N GLY A 296 -18.44 -24.97 4.71
CA GLY A 296 -17.75 -24.03 3.85
C GLY A 296 -18.47 -22.70 3.71
N CYS A 297 -19.76 -22.74 3.45
CA CYS A 297 -20.60 -21.54 3.33
C CYS A 297 -20.73 -20.84 4.66
N GLN A 298 -20.81 -21.61 5.75
CA GLN A 298 -20.99 -21.10 7.09
C GLN A 298 -19.82 -20.25 7.50
N VAL A 299 -18.61 -20.76 7.27
CA VAL A 299 -17.38 -20.08 7.65
C VAL A 299 -17.11 -18.91 6.71
N ALA A 300 -17.34 -19.08 5.37
CA ALA A 300 -17.19 -18.03 4.36
C ALA A 300 -18.11 -16.85 4.72
N GLY A 301 -19.37 -17.14 5.08
CA GLY A 301 -20.35 -16.13 5.48
C GLY A 301 -19.98 -15.41 6.76
N LYS A 302 -19.51 -16.15 7.78
CA LYS A 302 -19.08 -15.58 9.04
C LYS A 302 -17.92 -14.60 8.79
N LYS A 303 -16.95 -15.01 7.95
CA LYS A 303 -15.81 -14.19 7.57
C LYS A 303 -16.23 -12.85 6.92
N CYS A 304 -17.23 -12.87 6.03
CA CYS A 304 -17.69 -11.68 5.30
C CYS A 304 -18.23 -10.58 6.21
N GLY A 305 -18.60 -10.94 7.44
CA GLY A 305 -19.08 -10.03 8.46
C GLY A 305 -18.00 -9.49 9.37
N LEU A 306 -16.73 -9.85 9.11
CA LEU A 306 -15.58 -9.44 9.90
C LEU A 306 -14.45 -8.92 9.04
N GLN A 307 -13.61 -8.04 9.61
CA GLN A 307 -12.41 -7.53 8.93
C GLN A 307 -11.30 -8.56 9.22
N GLY A 308 -10.76 -9.14 8.17
CA GLY A 308 -9.75 -10.17 8.28
C GLY A 308 -10.32 -11.53 8.66
N PHE A 309 -9.51 -12.34 9.34
CA PHE A 309 -9.86 -13.71 9.71
C PHE A 309 -10.11 -13.95 11.18
N ASP A 310 -9.78 -13.00 12.06
CA ASP A 310 -10.01 -13.18 13.49
C ASP A 310 -11.48 -13.21 13.84
N GLY A 311 -11.86 -14.21 14.60
CA GLY A 311 -13.23 -14.39 15.03
C GLY A 311 -14.09 -15.26 14.14
N ILE A 312 -13.50 -15.92 13.11
CA ILE A 312 -14.24 -16.82 12.18
C ILE A 312 -14.72 -18.10 12.89
N VAL A 313 -14.00 -18.52 13.96
CA VAL A 313 -14.29 -19.72 14.78
C VAL A 313 -14.51 -19.24 16.22
N GLY B 13 24.20 11.13 17.00
CA GLY B 13 25.50 11.74 17.27
C GLY B 13 25.48 13.26 17.39
N LEU B 14 26.69 13.84 17.63
CA LEU B 14 26.94 15.27 17.76
C LEU B 14 26.60 16.03 16.47
N VAL B 15 25.59 16.91 16.57
CA VAL B 15 25.16 17.79 15.51
C VAL B 15 25.76 19.16 15.87
N PRO B 16 26.66 19.75 15.05
CA PRO B 16 27.20 21.08 15.39
C PRO B 16 26.11 22.16 15.53
N ARG B 17 26.25 23.07 16.50
CA ARG B 17 25.31 24.17 16.72
C ARG B 17 25.06 25.00 15.43
N GLY B 18 23.79 25.36 15.17
CA GLY B 18 23.29 26.15 14.05
C GLY B 18 23.67 25.65 12.68
N SER B 19 23.64 24.31 12.49
CA SER B 19 24.08 23.69 11.23
C SER B 19 22.98 23.09 10.37
N GLN B 20 21.86 22.68 10.96
CA GLN B 20 20.81 21.98 10.24
C GLN B 20 19.62 22.78 9.79
N ILE B 21 18.95 22.28 8.75
CA ILE B 21 17.67 22.84 8.29
C ILE B 21 16.63 21.79 8.73
N LEU B 22 15.68 22.20 9.55
CA LEU B 22 14.61 21.30 9.99
C LEU B 22 13.35 21.53 9.12
N CYS B 23 12.68 20.45 8.70
CA CYS B 23 11.38 20.51 8.00
C CYS B 23 10.40 19.76 8.85
N VAL B 24 9.30 20.44 9.25
CA VAL B 24 8.22 19.92 10.08
C VAL B 24 7.00 19.71 9.18
N GLY B 25 6.52 18.50 9.12
CA GLY B 25 5.37 18.19 8.27
C GLY B 25 5.07 16.73 8.16
N LEU B 26 4.51 16.36 7.03
CA LEU B 26 4.05 15.02 6.74
C LEU B 26 5.08 14.14 6.00
N VAL B 27 5.10 12.85 6.39
CA VAL B 27 5.78 11.76 5.74
C VAL B 27 4.69 10.73 5.45
N VAL B 28 4.65 10.20 4.25
CA VAL B 28 3.63 9.21 3.88
C VAL B 28 4.25 8.15 2.96
N LEU B 29 3.74 6.93 3.05
CA LEU B 29 4.17 5.90 2.11
C LEU B 29 3.18 5.95 0.95
N ASP B 30 3.67 6.25 -0.22
CA ASP B 30 2.88 6.28 -1.45
C ASP B 30 3.04 4.99 -2.23
N VAL B 31 1.95 4.20 -2.36
CA VAL B 31 1.97 2.98 -3.17
C VAL B 31 1.40 3.40 -4.55
N ILE B 32 2.26 3.48 -5.60
CA ILE B 32 1.87 3.93 -6.94
C ILE B 32 1.83 2.76 -7.94
N SER B 33 0.62 2.43 -8.46
CA SER B 33 0.37 1.35 -9.39
C SER B 33 -0.04 1.90 -10.75
N LEU B 34 0.63 1.44 -11.82
CA LEU B 34 0.30 1.82 -13.19
C LEU B 34 -0.56 0.72 -13.78
N VAL B 35 -1.76 1.09 -14.25
CA VAL B 35 -2.72 0.12 -14.79
C VAL B 35 -3.07 0.41 -16.25
N ASP B 36 -3.41 -0.64 -17.04
CA ASP B 36 -3.79 -0.45 -18.44
C ASP B 36 -5.18 0.23 -18.53
N LYS B 37 -6.09 -0.15 -17.61
CA LYS B 37 -7.44 0.39 -17.47
C LYS B 37 -7.81 0.49 -15.99
N TYR B 38 -8.65 1.48 -15.63
CA TYR B 38 -9.11 1.67 -14.26
C TYR B 38 -9.89 0.42 -13.77
N PRO B 39 -9.62 -0.12 -12.57
CA PRO B 39 -10.33 -1.32 -12.14
C PRO B 39 -11.79 -1.09 -11.82
N LYS B 40 -12.63 -2.04 -12.20
CA LYS B 40 -14.04 -2.03 -11.88
C LYS B 40 -14.15 -2.58 -10.45
N GLU B 41 -15.12 -2.07 -9.66
CA GLU B 41 -15.32 -2.50 -8.28
C GLU B 41 -15.56 -4.01 -8.23
N ASP B 42 -14.93 -4.68 -7.25
CA ASP B 42 -15.00 -6.12 -6.94
C ASP B 42 -14.17 -6.98 -7.91
N SER B 43 -13.29 -6.37 -8.69
CA SER B 43 -12.40 -7.06 -9.64
C SER B 43 -10.94 -7.17 -9.14
N GLU B 44 -10.19 -8.11 -9.74
CA GLU B 44 -8.78 -8.39 -9.49
C GLU B 44 -8.01 -8.20 -10.81
N ILE B 45 -7.32 -7.07 -10.93
CA ILE B 45 -6.52 -6.73 -12.10
C ILE B 45 -5.04 -6.70 -11.76
N ARG B 46 -4.18 -6.99 -12.74
CA ARG B 46 -2.74 -6.95 -12.58
C ARG B 46 -2.22 -5.58 -13.09
N CYS B 47 -1.37 -4.95 -12.29
CA CYS B 47 -0.82 -3.66 -12.71
C CYS B 47 0.41 -3.89 -13.56
N LEU B 48 0.75 -2.91 -14.38
CA LEU B 48 1.91 -2.91 -15.27
C LEU B 48 3.18 -2.72 -14.43
N SER B 49 3.14 -1.77 -13.46
CA SER B 49 4.21 -1.49 -12.50
C SER B 49 3.65 -0.98 -11.15
N GLN B 50 4.38 -1.24 -10.07
CA GLN B 50 4.02 -0.80 -8.73
C GLN B 50 5.26 -0.34 -7.98
N ARG B 51 5.26 0.91 -7.50
CA ARG B 51 6.40 1.38 -6.74
C ARG B 51 5.96 1.98 -5.38
N TRP B 52 6.79 1.74 -4.36
CA TRP B 52 6.58 2.29 -3.02
C TRP B 52 7.53 3.46 -2.95
N GLN B 53 7.01 4.61 -2.61
CA GLN B 53 7.76 5.86 -2.57
C GLN B 53 7.47 6.59 -1.27
N ARG B 54 8.50 7.22 -0.68
CA ARG B 54 8.29 8.07 0.47
C ARG B 54 7.80 9.39 -0.12
N GLY B 55 6.72 9.91 0.39
CA GLY B 55 6.19 11.21 -0.02
C GLY B 55 5.99 12.12 1.15
N GLY B 56 5.17 13.14 0.93
CA GLY B 56 4.87 14.18 1.92
C GLY B 56 5.71 15.40 1.60
N ASN B 57 5.16 16.61 1.81
CA ASN B 57 5.84 17.89 1.48
C ASN B 57 7.11 18.14 2.24
N ALA B 58 7.08 18.07 3.59
CA ALA B 58 8.27 18.27 4.43
C ALA B 58 9.31 17.20 4.16
N SER B 59 8.84 15.97 3.95
CA SER B 59 9.64 14.79 3.68
C SER B 59 10.38 14.93 2.33
N ASN B 60 9.68 15.37 1.28
CA ASN B 60 10.29 15.56 -0.04
C ASN B 60 11.32 16.70 -0.03
N SER B 61 11.02 17.79 0.69
CA SER B 61 11.92 18.94 0.84
C SER B 61 13.21 18.54 1.55
N CYS B 62 13.12 17.60 2.53
CA CYS B 62 14.25 17.01 3.22
C CYS B 62 15.18 16.30 2.27
N THR B 63 14.60 15.46 1.37
CA THR B 63 15.35 14.74 0.33
C THR B 63 16.17 15.74 -0.52
N VAL B 64 15.51 16.78 -1.01
CA VAL B 64 16.10 17.82 -1.87
C VAL B 64 17.21 18.58 -1.12
N LEU B 65 16.97 18.99 0.15
CA LEU B 65 18.01 19.62 0.99
C LEU B 65 19.26 18.78 1.14
N SER B 66 19.11 17.46 1.41
CA SER B 66 20.25 16.55 1.52
C SER B 66 21.03 16.45 0.23
N LEU B 67 20.33 16.35 -0.89
CA LEU B 67 20.97 16.28 -2.22
C LEU B 67 21.68 17.55 -2.61
N LEU B 68 21.18 18.71 -2.11
CA LEU B 68 21.82 20.03 -2.34
C LEU B 68 23.06 20.22 -1.46
N GLY B 69 23.25 19.32 -0.49
CA GLY B 69 24.40 19.35 0.39
C GLY B 69 24.17 20.00 1.73
N ALA B 70 22.90 20.18 2.12
CA ALA B 70 22.56 20.74 3.42
C ALA B 70 22.34 19.65 4.48
N PRO B 71 22.95 19.73 5.69
CA PRO B 71 22.56 18.81 6.78
C PRO B 71 21.10 19.16 7.11
N CYS B 72 20.24 18.16 7.14
CA CYS B 72 18.83 18.43 7.39
C CYS B 72 18.20 17.35 8.19
N ALA B 73 17.13 17.74 8.87
CA ALA B 73 16.42 16.87 9.78
C ALA B 73 14.94 16.95 9.48
N PHE B 74 14.25 15.83 9.73
CA PHE B 74 12.81 15.77 9.56
C PHE B 74 12.11 15.63 10.89
N MET B 75 11.04 16.41 11.04
CA MET B 75 10.19 16.29 12.22
C MET B 75 8.75 16.06 11.75
N GLY B 76 8.21 14.92 12.11
CA GLY B 76 6.86 14.53 11.77
C GLY B 76 6.50 13.30 12.59
N SER B 77 5.24 12.91 12.54
CA SER B 77 4.74 11.77 13.31
C SER B 77 4.81 10.47 12.55
N MET B 78 5.17 9.41 13.27
CA MET B 78 5.22 8.04 12.77
C MET B 78 4.78 7.12 13.91
N ALA B 79 4.24 5.97 13.58
CA ALA B 79 3.90 4.94 14.56
C ALA B 79 4.84 3.76 14.27
N PRO B 80 5.40 3.10 15.31
CA PRO B 80 6.25 1.91 15.05
C PRO B 80 5.54 0.89 14.16
N GLY B 81 6.30 0.28 13.25
CA GLY B 81 5.74 -0.70 12.33
C GLY B 81 6.53 -0.82 11.05
N HIS B 82 6.03 -1.65 10.14
CA HIS B 82 6.71 -1.93 8.89
C HIS B 82 6.70 -0.75 7.89
N VAL B 83 5.63 0.08 7.89
CA VAL B 83 5.48 1.27 7.05
C VAL B 83 6.53 2.30 7.49
N ALA B 84 6.62 2.55 8.80
CA ALA B 84 7.61 3.43 9.40
C ALA B 84 9.04 2.97 9.08
N ASP B 85 9.32 1.66 9.15
CA ASP B 85 10.64 1.07 8.84
C ASP B 85 11.08 1.36 7.42
N PHE B 86 10.15 1.20 6.46
CA PHE B 86 10.40 1.49 5.07
C PHE B 86 10.71 3.00 4.90
N LEU B 87 9.90 3.87 5.54
CA LEU B 87 10.03 5.32 5.52
C LEU B 87 11.31 5.80 6.16
N VAL B 88 11.68 5.24 7.33
CA VAL B 88 12.93 5.52 8.07
C VAL B 88 14.15 5.12 7.20
N ALA B 89 14.14 3.91 6.61
CA ALA B 89 15.23 3.46 5.75
C ALA B 89 15.35 4.32 4.48
N ASP B 90 14.22 4.82 3.97
CA ASP B 90 14.21 5.71 2.81
C ASP B 90 14.79 7.11 3.14
N PHE B 91 14.42 7.66 4.31
CA PHE B 91 15.00 8.91 4.85
C PHE B 91 16.52 8.78 4.97
N ARG B 92 16.99 7.68 5.58
CA ARG B 92 18.41 7.38 5.76
C ARG B 92 19.15 7.19 4.43
N ARG B 93 18.52 6.52 3.48
CA ARG B 93 19.06 6.35 2.11
C ARG B 93 19.32 7.76 1.47
N ARG B 94 18.52 8.79 1.86
CA ARG B 94 18.62 10.18 1.45
C ARG B 94 19.39 11.08 2.42
N GLY B 95 20.06 10.50 3.42
CA GLY B 95 20.89 11.19 4.40
C GLY B 95 20.18 12.16 5.32
N VAL B 96 18.87 11.91 5.53
CA VAL B 96 18.01 12.74 6.37
C VAL B 96 18.11 12.28 7.81
N ASP B 97 18.38 13.22 8.73
CA ASP B 97 18.44 12.99 10.17
C ASP B 97 16.97 12.80 10.63
N VAL B 98 16.69 11.68 11.31
CA VAL B 98 15.34 11.32 11.71
C VAL B 98 15.15 11.27 13.29
N SER B 99 16.13 11.81 14.05
CA SER B 99 16.13 11.80 15.53
C SER B 99 15.01 12.63 16.17
N GLN B 100 14.39 13.53 15.39
CA GLN B 100 13.32 14.43 15.82
C GLN B 100 11.93 13.90 15.53
N VAL B 101 11.80 12.71 14.92
CA VAL B 101 10.50 12.07 14.64
C VAL B 101 9.65 11.91 15.93
N ALA B 102 8.36 12.32 15.87
CA ALA B 102 7.46 12.17 17.00
C ALA B 102 6.83 10.81 16.89
N TRP B 103 7.42 9.81 17.58
CA TRP B 103 6.89 8.44 17.61
C TRP B 103 5.60 8.42 18.41
N GLN B 104 4.57 7.78 17.86
CA GLN B 104 3.21 7.71 18.42
C GLN B 104 2.80 6.30 18.87
N SER B 105 1.99 6.24 19.93
CA SER B 105 1.47 4.97 20.45
C SER B 105 0.07 4.60 19.88
N LYS B 106 -0.60 5.57 19.22
CA LYS B 106 -1.91 5.38 18.58
C LYS B 106 -1.93 5.91 17.16
N GLY B 107 -2.60 5.20 16.28
CA GLY B 107 -2.75 5.57 14.88
C GLY B 107 -1.84 4.81 13.93
N ASP B 108 -2.12 4.94 12.64
CA ASP B 108 -1.35 4.30 11.59
C ASP B 108 -0.37 5.33 10.97
N THR B 109 0.86 4.88 10.61
CA THR B 109 1.79 5.70 9.85
C THR B 109 1.10 5.91 8.47
N PRO B 110 0.94 7.18 7.99
CA PRO B 110 0.23 7.40 6.73
C PRO B 110 0.72 6.59 5.53
N SER B 111 -0.25 6.02 4.83
CA SER B 111 -0.03 5.26 3.61
C SER B 111 -1.11 5.70 2.63
N SER B 112 -0.75 6.04 1.39
CA SER B 112 -1.71 6.43 0.36
C SER B 112 -1.59 5.48 -0.84
N CYS B 113 -2.68 5.29 -1.60
CA CYS B 113 -2.67 4.40 -2.77
C CYS B 113 -3.08 5.20 -4.03
N CYS B 114 -2.14 5.31 -4.98
CA CYS B 114 -2.37 6.00 -6.24
C CYS B 114 -2.40 5.05 -7.39
N ILE B 115 -3.47 5.11 -8.16
CA ILE B 115 -3.71 4.29 -9.34
C ILE B 115 -3.55 5.23 -10.53
N ILE B 116 -2.54 4.96 -11.38
CA ILE B 116 -2.30 5.77 -12.56
C ILE B 116 -2.74 5.00 -13.80
N ASN B 117 -3.70 5.56 -14.55
CA ASN B 117 -4.22 4.89 -15.74
C ASN B 117 -3.28 5.21 -16.91
N ASN B 118 -2.60 4.19 -17.44
CA ASN B 118 -1.64 4.33 -18.53
C ASN B 118 -2.28 4.75 -19.88
N SER B 119 -3.58 4.48 -20.08
CA SER B 119 -4.26 4.83 -21.32
C SER B 119 -4.67 6.32 -21.42
N ASN B 120 -4.69 7.09 -20.31
CA ASN B 120 -5.09 8.50 -20.35
C ASN B 120 -4.38 9.42 -19.32
N GLY B 121 -3.45 8.85 -18.55
CA GLY B 121 -2.68 9.56 -17.53
C GLY B 121 -3.45 9.98 -16.29
N ASN B 122 -4.74 9.53 -16.13
CA ASN B 122 -5.58 9.84 -14.96
C ASN B 122 -4.98 9.26 -13.68
N ARG B 123 -5.06 10.05 -12.60
CA ARG B 123 -4.59 9.71 -11.26
C ARG B 123 -5.74 9.63 -10.24
N THR B 124 -5.99 8.40 -9.69
CA THR B 124 -7.02 8.17 -8.68
C THR B 124 -6.28 7.94 -7.36
N ILE B 125 -6.64 8.69 -6.31
CA ILE B 125 -5.93 8.61 -5.03
C ILE B 125 -6.85 8.23 -3.88
N VAL B 126 -6.43 7.22 -3.10
CA VAL B 126 -7.08 6.80 -1.88
C VAL B 126 -6.07 7.27 -0.84
N LEU B 127 -6.35 8.45 -0.30
CA LEU B 127 -5.57 9.21 0.65
C LEU B 127 -5.49 8.49 1.96
N HIS B 128 -4.34 8.64 2.64
CA HIS B 128 -4.07 8.06 3.97
C HIS B 128 -5.16 8.42 4.98
N ASP B 129 -5.35 7.58 5.98
CA ASP B 129 -6.33 7.87 7.01
C ASP B 129 -5.81 8.98 7.96
N THR B 130 -6.68 9.50 8.81
CA THR B 130 -6.33 10.62 9.69
C THR B 130 -6.12 10.19 11.18
N SER B 131 -5.86 8.89 11.42
CA SER B 131 -5.69 8.31 12.76
C SER B 131 -4.44 8.75 13.54
N LEU B 132 -3.36 9.09 12.83
CA LEU B 132 -2.11 9.47 13.51
C LEU B 132 -2.12 10.91 14.01
N PRO B 133 -1.79 11.17 15.30
CA PRO B 133 -1.77 12.56 15.79
C PRO B 133 -0.62 13.35 15.16
N ASP B 134 -0.85 14.63 14.87
CA ASP B 134 0.16 15.50 14.32
C ASP B 134 1.16 15.92 15.41
N VAL B 135 2.32 16.45 15.00
CA VAL B 135 3.34 16.98 15.92
C VAL B 135 2.66 18.12 16.70
N SER B 136 2.71 18.06 18.02
CA SER B 136 2.07 19.09 18.85
C SER B 136 3.08 20.14 19.34
N ALA B 137 2.57 21.25 19.89
CA ALA B 137 3.39 22.32 20.44
C ALA B 137 4.14 21.82 21.69
N THR B 138 3.58 20.80 22.38
CA THR B 138 4.18 20.16 23.54
C THR B 138 5.35 19.29 23.07
N ASP B 139 5.19 18.56 21.96
CA ASP B 139 6.26 17.76 21.32
C ASP B 139 7.41 18.71 20.91
N PHE B 140 7.08 19.81 20.22
CA PHE B 140 8.04 20.82 19.78
C PHE B 140 8.80 21.52 20.91
N GLU B 141 8.14 21.72 22.06
CA GLU B 141 8.70 22.36 23.26
C GLU B 141 9.90 21.57 23.84
N LYS B 142 9.94 20.25 23.61
CA LYS B 142 10.98 19.36 24.12
C LYS B 142 12.17 19.25 23.14
N VAL B 143 12.20 20.09 22.10
CA VAL B 143 13.26 20.07 21.10
C VAL B 143 14.28 21.18 21.38
N ASP B 144 15.56 20.81 21.60
CA ASP B 144 16.63 21.78 21.75
C ASP B 144 16.82 22.32 20.29
N LEU B 145 16.56 23.63 20.10
CA LEU B 145 16.60 24.36 18.83
C LEU B 145 18.01 24.78 18.36
N THR B 146 19.04 24.69 19.24
CA THR B 146 20.39 25.18 18.95
C THR B 146 21.04 24.57 17.69
N GLN B 147 20.74 23.29 17.36
CA GLN B 147 21.34 22.66 16.20
C GLN B 147 20.76 23.15 14.84
N PHE B 148 19.65 23.92 14.85
CA PHE B 148 19.00 24.41 13.62
C PHE B 148 19.31 25.85 13.26
N LYS B 149 19.60 26.10 12.00
CA LYS B 149 19.84 27.46 11.47
C LYS B 149 18.56 27.97 10.75
N TRP B 150 17.72 27.01 10.31
CA TRP B 150 16.49 27.26 9.57
C TRP B 150 15.45 26.22 9.96
N ILE B 151 14.20 26.66 10.18
CA ILE B 151 13.08 25.75 10.51
C ILE B 151 11.97 26.05 9.53
N HIS B 152 11.62 25.06 8.71
CA HIS B 152 10.53 25.15 7.73
C HIS B 152 9.35 24.34 8.24
N ILE B 153 8.17 24.98 8.31
CA ILE B 153 6.96 24.31 8.76
C ILE B 153 5.94 24.20 7.62
N GLU B 154 5.54 22.94 7.29
CA GLU B 154 4.48 22.63 6.33
C GLU B 154 3.17 22.80 7.12
N GLY B 155 2.35 23.76 6.71
CA GLY B 155 1.08 24.06 7.37
C GLY B 155 0.11 22.90 7.39
N ARG B 156 -0.22 22.43 8.62
CA ARG B 156 -1.09 21.27 8.84
C ARG B 156 -2.04 21.57 9.96
N ASN B 157 -1.60 21.39 11.23
CA ASN B 157 -2.37 21.65 12.45
C ASN B 157 -2.01 23.07 12.92
N ALA B 158 -2.59 24.06 12.26
CA ALA B 158 -2.30 25.50 12.36
C ALA B 158 -2.22 26.07 13.77
N SER B 159 -3.25 25.88 14.61
CA SER B 159 -3.27 26.38 15.99
C SER B 159 -2.09 25.85 16.84
N GLU B 160 -1.65 24.60 16.60
CA GLU B 160 -0.52 24.00 17.31
C GLU B 160 0.78 24.55 16.77
N GLN B 161 0.85 24.66 15.43
CA GLN B 161 2.02 25.19 14.71
C GLN B 161 2.30 26.65 15.02
N VAL B 162 1.25 27.46 15.30
CA VAL B 162 1.37 28.87 15.72
C VAL B 162 2.17 28.96 17.04
N LYS B 163 1.89 28.06 17.98
CA LYS B 163 2.61 27.97 19.24
C LYS B 163 4.08 27.55 19.03
N MET B 164 4.35 26.69 18.02
CA MET B 164 5.73 26.28 17.65
C MET B 164 6.50 27.50 17.11
N LEU B 165 5.83 28.28 16.27
CA LEU B 165 6.37 29.52 15.68
C LEU B 165 6.60 30.58 16.74
N GLN B 166 5.67 30.71 17.70
CA GLN B 166 5.80 31.62 18.83
C GLN B 166 7.01 31.22 19.73
N ARG B 167 7.29 29.91 19.86
CA ARG B 167 8.45 29.41 20.62
C ARG B 167 9.78 29.80 19.91
N ILE B 168 9.86 29.65 18.57
CA ILE B 168 11.04 30.04 17.77
C ILE B 168 11.24 31.57 17.90
N ASP B 169 10.16 32.37 17.84
CA ASP B 169 10.28 33.82 18.03
C ASP B 169 10.86 34.15 19.39
N ALA B 170 10.38 33.48 20.45
CA ALA B 170 10.89 33.69 21.82
C ALA B 170 12.40 33.41 21.91
N HIS B 171 12.85 32.30 21.27
CA HIS B 171 14.25 31.87 21.18
C HIS B 171 15.14 32.96 20.53
N ASN B 172 14.73 33.46 19.36
CA ASN B 172 15.42 34.47 18.56
C ASN B 172 15.57 35.79 19.26
N THR B 173 14.56 36.15 20.06
CA THR B 173 14.49 37.35 20.91
C THR B 173 15.73 37.43 21.82
N ARG B 174 16.21 36.29 22.33
CA ARG B 174 17.38 36.31 23.20
C ARG B 174 18.69 35.87 22.50
N GLN B 175 18.74 35.88 21.15
CA GLN B 175 19.92 35.50 20.39
C GLN B 175 20.53 36.68 19.65
N PRO B 176 21.87 36.74 19.50
CA PRO B 176 22.46 37.79 18.62
C PRO B 176 21.99 37.58 17.18
N PRO B 177 21.87 38.65 16.35
CA PRO B 177 21.37 38.46 14.96
C PRO B 177 21.98 37.33 14.12
N GLU B 178 23.21 36.88 14.43
CA GLU B 178 23.88 35.81 13.67
C GLU B 178 23.51 34.39 14.17
N GLN B 179 22.90 34.27 15.36
CA GLN B 179 22.45 33.01 15.92
C GLN B 179 20.92 32.89 15.90
N LYS B 180 20.27 33.79 15.17
CA LYS B 180 18.81 33.75 15.01
C LYS B 180 18.43 32.68 13.99
N ILE B 181 17.48 31.82 14.35
CA ILE B 181 16.96 30.76 13.49
C ILE B 181 15.98 31.37 12.48
N ARG B 182 16.25 31.19 11.17
CA ARG B 182 15.36 31.66 10.11
C ARG B 182 14.16 30.70 9.98
N VAL B 183 12.99 31.26 9.65
CA VAL B 183 11.73 30.52 9.60
C VAL B 183 11.01 30.65 8.27
N SER B 184 10.52 29.53 7.76
CA SER B 184 9.69 29.52 6.57
C SER B 184 8.43 28.70 6.85
N VAL B 185 7.35 29.09 6.21
CA VAL B 185 6.04 28.49 6.38
C VAL B 185 5.49 28.16 4.97
N GLU B 186 4.82 27.01 4.81
CA GLU B 186 4.15 26.68 3.55
C GLU B 186 2.65 26.53 3.81
N VAL B 187 1.84 27.29 3.05
CA VAL B 187 0.38 27.21 3.04
C VAL B 187 0.08 26.61 1.65
N GLU B 188 -0.09 25.29 1.60
CA GLU B 188 -0.31 24.53 0.35
C GLU B 188 -1.75 24.00 0.17
N LYS B 189 -2.49 23.86 1.25
CA LYS B 189 -3.86 23.36 1.19
C LYS B 189 -4.86 24.51 1.34
N PRO B 190 -5.93 24.53 0.53
CA PRO B 190 -6.92 25.62 0.63
C PRO B 190 -7.88 25.45 1.82
N ARG B 191 -7.32 25.44 3.05
CA ARG B 191 -8.05 25.27 4.33
C ARG B 191 -7.91 26.55 5.15
N GLU B 192 -9.03 27.19 5.52
CA GLU B 192 -9.11 28.44 6.29
C GLU B 192 -8.22 28.52 7.55
N GLU B 193 -8.15 27.42 8.32
CA GLU B 193 -7.36 27.31 9.55
C GLU B 193 -5.88 27.66 9.31
N LEU B 194 -5.34 27.27 8.14
CA LEU B 194 -3.96 27.51 7.70
C LEU B 194 -3.63 28.96 7.42
N PHE B 195 -4.61 29.78 7.06
CA PHE B 195 -4.39 31.17 6.63
C PHE B 195 -3.84 32.06 7.75
N GLN B 196 -3.94 31.64 9.02
CA GLN B 196 -3.35 32.38 10.13
C GLN B 196 -1.80 32.24 10.12
N LEU B 197 -1.27 31.23 9.38
CA LEU B 197 0.17 30.98 9.28
C LEU B 197 0.89 32.00 8.39
N PHE B 198 0.14 32.81 7.62
CA PHE B 198 0.69 33.88 6.77
C PHE B 198 1.45 34.91 7.61
N GLY B 199 1.00 35.12 8.86
CA GLY B 199 1.58 36.06 9.82
C GLY B 199 2.84 35.61 10.54
N TYR B 200 3.38 34.44 10.16
CA TYR B 200 4.57 33.85 10.76
C TYR B 200 5.61 33.54 9.73
N GLY B 201 6.88 33.55 10.13
CA GLY B 201 7.98 33.23 9.24
C GLY B 201 8.55 34.41 8.50
N ASP B 202 9.86 34.33 8.23
CA ASP B 202 10.61 35.30 7.43
C ASP B 202 10.25 35.09 5.94
N VAL B 203 9.92 33.84 5.57
CA VAL B 203 9.57 33.41 4.22
C VAL B 203 8.26 32.63 4.25
N VAL B 204 7.25 33.09 3.50
CA VAL B 204 5.96 32.41 3.41
C VAL B 204 5.77 31.92 1.98
N PHE B 205 5.58 30.63 1.81
CA PHE B 205 5.30 30.01 0.52
C PHE B 205 3.77 29.76 0.41
N VAL B 206 3.14 30.29 -0.65
CA VAL B 206 1.72 30.09 -0.89
C VAL B 206 1.59 29.35 -2.22
N SER B 207 0.85 28.24 -2.22
CA SER B 207 0.74 27.47 -3.46
C SER B 207 -0.19 28.12 -4.48
N LYS B 208 -0.03 27.75 -5.77
CA LYS B 208 -0.91 28.17 -6.87
C LYS B 208 -2.37 27.77 -6.58
N ASP B 209 -2.56 26.55 -6.02
CA ASP B 209 -3.87 25.99 -5.66
C ASP B 209 -4.56 26.81 -4.61
N VAL B 210 -3.84 27.28 -3.58
CA VAL B 210 -4.36 28.18 -2.53
C VAL B 210 -4.70 29.52 -3.14
N ALA B 211 -3.78 30.12 -3.95
CA ALA B 211 -4.02 31.41 -4.63
C ALA B 211 -5.31 31.40 -5.46
N LYS B 212 -5.51 30.37 -6.29
CA LYS B 212 -6.69 30.21 -7.15
C LYS B 212 -7.99 30.06 -6.35
N HIS B 213 -7.95 29.30 -5.22
CA HIS B 213 -9.08 29.12 -4.32
C HIS B 213 -9.49 30.42 -3.62
N LEU B 214 -8.55 31.35 -3.47
CA LEU B 214 -8.80 32.69 -2.91
C LEU B 214 -9.20 33.68 -4.02
N GLY B 215 -9.37 33.17 -5.24
CA GLY B 215 -9.79 33.94 -6.41
C GLY B 215 -8.72 34.60 -7.26
N PHE B 216 -7.43 34.37 -6.93
CA PHE B 216 -6.30 34.96 -7.66
C PHE B 216 -5.98 34.17 -8.93
N GLN B 217 -5.80 34.89 -10.05
CA GLN B 217 -5.58 34.27 -11.36
C GLN B 217 -4.12 34.24 -11.82
N SER B 218 -3.19 34.77 -11.02
CA SER B 218 -1.76 34.79 -11.30
C SER B 218 -0.98 34.94 -10.00
N ALA B 219 0.34 34.72 -10.03
CA ALA B 219 1.22 34.85 -8.89
C ALA B 219 1.34 36.32 -8.48
N GLU B 220 1.33 37.25 -9.44
CA GLU B 220 1.36 38.69 -9.19
C GLU B 220 0.10 39.12 -8.39
N GLU B 221 -1.08 38.69 -8.86
CA GLU B 221 -2.34 38.94 -8.18
C GLU B 221 -2.30 38.38 -6.75
N ALA B 222 -1.84 37.13 -6.58
CA ALA B 222 -1.76 36.46 -5.29
C ALA B 222 -0.84 37.20 -4.32
N LEU B 223 0.38 37.57 -4.79
CA LEU B 223 1.33 38.28 -3.95
C LEU B 223 0.86 39.66 -3.50
N ARG B 224 0.26 40.44 -4.42
CA ARG B 224 -0.25 41.77 -4.11
C ARG B 224 -1.48 41.68 -3.21
N GLY B 225 -2.33 40.69 -3.45
CA GLY B 225 -3.55 40.47 -2.67
C GLY B 225 -3.34 39.89 -1.28
N LEU B 226 -2.24 39.17 -1.04
CA LEU B 226 -1.96 38.52 0.26
C LEU B 226 -0.83 39.14 1.08
N TYR B 227 0.01 40.05 0.51
CA TYR B 227 1.14 40.63 1.24
C TYR B 227 0.74 41.28 2.58
N GLY B 228 -0.42 41.93 2.63
CA GLY B 228 -0.94 42.54 3.85
C GLY B 228 -1.10 41.58 5.03
N ARG B 229 -1.15 40.25 4.76
CA ARG B 229 -1.32 39.20 5.77
C ARG B 229 -0.01 38.71 6.42
N VAL B 230 1.16 39.03 5.82
CA VAL B 230 2.47 38.57 6.33
C VAL B 230 3.01 39.52 7.41
N ARG B 231 3.95 39.05 8.25
CA ARG B 231 4.56 39.87 9.29
C ARG B 231 5.58 40.83 8.68
N LYS B 232 5.84 41.98 9.38
CA LYS B 232 6.80 43.01 8.96
C LYS B 232 8.14 42.38 8.55
N GLY B 233 8.63 42.76 7.38
CA GLY B 233 9.89 42.27 6.85
C GLY B 233 9.86 40.94 6.13
N ALA B 234 8.72 40.19 6.15
CA ALA B 234 8.64 38.86 5.51
C ALA B 234 8.60 38.93 3.98
N VAL B 235 9.03 37.84 3.34
CA VAL B 235 9.03 37.64 1.91
C VAL B 235 7.93 36.61 1.58
N LEU B 236 6.96 37.00 0.72
CA LEU B 236 5.88 36.12 0.29
C LEU B 236 6.26 35.53 -1.09
N VAL B 237 6.21 34.21 -1.21
CA VAL B 237 6.64 33.47 -2.41
C VAL B 237 5.47 32.67 -3.03
N CYS B 238 5.32 32.74 -4.35
CA CYS B 238 4.31 31.99 -5.09
C CYS B 238 4.83 31.48 -6.43
N ALA B 239 5.01 30.15 -6.53
CA ALA B 239 5.40 29.43 -7.76
C ALA B 239 4.12 29.13 -8.54
N TRP B 240 4.13 29.45 -9.83
CA TRP B 240 2.96 29.25 -10.69
C TRP B 240 3.27 28.25 -11.78
N ALA B 241 3.83 27.10 -11.37
CA ALA B 241 4.18 25.98 -12.21
C ALA B 241 5.08 26.39 -13.41
N GLU B 242 4.73 26.03 -14.66
CA GLU B 242 5.55 26.37 -15.83
C GLU B 242 5.52 27.87 -16.20
N GLU B 243 4.78 28.68 -15.43
CA GLU B 243 4.81 30.13 -15.65
C GLU B 243 5.87 30.82 -14.77
N GLY B 244 6.62 30.01 -14.01
CA GLY B 244 7.67 30.50 -13.14
C GLY B 244 7.15 30.94 -11.80
N ALA B 245 8.01 31.60 -11.04
CA ALA B 245 7.68 31.98 -9.67
C ALA B 245 7.96 33.42 -9.39
N ASP B 246 7.21 33.96 -8.41
CA ASP B 246 7.31 35.33 -7.96
C ASP B 246 7.59 35.42 -6.47
N ALA B 247 8.20 36.54 -6.04
CA ALA B 247 8.41 36.86 -4.64
C ALA B 247 8.14 38.35 -4.44
N LEU B 248 7.70 38.68 -3.24
CA LEU B 248 7.42 40.03 -2.82
C LEU B 248 7.87 40.20 -1.36
N GLY B 249 8.79 41.13 -1.16
CA GLY B 249 9.32 41.51 0.13
C GLY B 249 8.87 42.89 0.60
N PRO B 250 9.39 43.36 1.75
CA PRO B 250 8.98 44.67 2.31
C PRO B 250 9.23 45.91 1.45
N ASP B 251 10.16 45.84 0.47
CA ASP B 251 10.44 46.98 -0.43
C ASP B 251 9.35 47.19 -1.54
N GLY B 252 8.35 46.30 -1.59
CA GLY B 252 7.24 46.42 -2.53
C GLY B 252 7.55 46.05 -3.96
N LYS B 253 8.78 45.55 -4.21
CA LYS B 253 9.20 45.16 -5.54
C LYS B 253 8.87 43.71 -5.88
N LEU B 254 8.03 43.51 -6.89
CA LEU B 254 7.70 42.18 -7.37
C LEU B 254 8.90 41.58 -8.10
N LEU B 255 9.34 40.42 -7.66
CA LEU B 255 10.45 39.70 -8.24
C LEU B 255 9.88 38.50 -8.95
N HIS B 256 10.44 38.19 -10.11
CA HIS B 256 10.00 37.06 -10.92
C HIS B 256 11.18 36.29 -11.48
N SER B 257 10.98 34.99 -11.63
CA SER B 257 11.87 34.10 -12.35
C SER B 257 11.03 33.27 -13.31
N ASP B 258 11.46 33.18 -14.59
CA ASP B 258 10.82 32.27 -15.53
C ASP B 258 11.13 30.84 -15.06
N ALA B 259 10.30 29.88 -15.48
CA ALA B 259 10.53 28.46 -15.25
C ALA B 259 11.72 28.03 -16.18
N PHE B 260 12.30 26.87 -15.87
CA PHE B 260 13.38 26.24 -16.62
C PHE B 260 12.85 24.87 -17.05
N PRO B 261 11.85 24.81 -17.98
CA PRO B 261 11.29 23.51 -18.39
C PRO B 261 12.31 22.55 -18.97
N PRO B 262 12.23 21.27 -18.56
CA PRO B 262 13.18 20.28 -19.07
C PRO B 262 12.89 19.95 -20.55
N PRO B 263 13.84 19.38 -21.31
CA PRO B 263 13.56 19.03 -22.74
C PRO B 263 12.33 18.12 -22.90
N ARG B 264 12.15 17.17 -21.96
CA ARG B 264 11.00 16.28 -21.87
C ARG B 264 10.61 16.17 -20.41
N VAL B 265 9.34 16.50 -20.12
CA VAL B 265 8.75 16.37 -18.78
C VAL B 265 8.45 14.88 -18.50
N VAL B 266 9.06 14.34 -17.44
CA VAL B 266 8.97 12.93 -17.03
C VAL B 266 8.11 12.78 -15.78
N ASP B 267 8.42 13.56 -14.71
CA ASP B 267 7.77 13.41 -13.41
C ASP B 267 7.74 14.75 -12.65
N THR B 268 6.53 15.31 -12.45
CA THR B 268 6.31 16.59 -11.77
C THR B 268 5.96 16.42 -10.30
N LEU B 269 5.79 15.17 -9.83
CA LEU B 269 5.45 14.92 -8.44
C LEU B 269 6.65 15.34 -7.52
N GLY B 270 6.40 16.30 -6.63
CA GLY B 270 7.40 16.84 -5.74
C GLY B 270 8.13 18.06 -6.30
N ALA B 271 7.69 18.61 -7.45
CA ALA B 271 8.28 19.82 -8.09
C ALA B 271 8.16 21.07 -7.18
N GLY B 272 7.00 21.26 -6.55
CA GLY B 272 6.77 22.34 -5.60
C GLY B 272 7.66 22.24 -4.37
N ASP B 273 7.85 21.00 -3.85
CA ASP B 273 8.71 20.72 -2.70
C ASP B 273 10.18 20.95 -3.04
N THR B 274 10.57 20.65 -4.28
CA THR B 274 11.92 20.85 -4.83
C THR B 274 12.22 22.35 -4.87
N PHE B 275 11.25 23.13 -5.37
CA PHE B 275 11.30 24.57 -5.42
C PHE B 275 11.45 25.14 -3.98
N ASN B 276 10.56 24.73 -3.03
CA ASN B 276 10.64 25.22 -1.64
C ASN B 276 11.99 24.98 -0.99
N ALA B 277 12.50 23.74 -1.07
CA ALA B 277 13.79 23.33 -0.51
C ALA B 277 14.94 24.12 -1.12
N SER B 278 14.91 24.33 -2.44
CA SER B 278 15.94 25.08 -3.18
C SER B 278 15.92 26.57 -2.83
N VAL B 279 14.73 27.18 -2.68
CA VAL B 279 14.63 28.58 -2.25
C VAL B 279 15.21 28.72 -0.83
N ILE B 280 14.79 27.85 0.10
CA ILE B 280 15.26 27.79 1.47
C ILE B 280 16.79 27.60 1.47
N PHE B 281 17.30 26.63 0.68
CA PHE B 281 18.72 26.38 0.63
C PHE B 281 19.53 27.61 0.17
N SER B 282 19.11 28.20 -0.94
CA SER B 282 19.75 29.40 -1.49
C SER B 282 19.70 30.59 -0.49
N LEU B 283 18.54 30.82 0.19
CA LEU B 283 18.47 31.89 1.21
C LEU B 283 19.35 31.62 2.42
N SER B 284 19.41 30.34 2.86
CA SER B 284 20.25 29.92 4.00
C SER B 284 21.74 30.10 3.68
N GLN B 285 22.11 30.11 2.39
CA GLN B 285 23.49 30.29 1.91
C GLN B 285 23.88 31.78 1.76
N GLY B 286 22.98 32.69 2.14
CA GLY B 286 23.20 34.13 2.07
C GLY B 286 22.88 34.78 0.72
N ARG B 287 22.30 34.02 -0.21
CA ARG B 287 21.96 34.56 -1.52
C ARG B 287 20.72 35.45 -1.46
N SER B 288 20.56 36.38 -2.43
CA SER B 288 19.42 37.29 -2.47
C SER B 288 18.11 36.52 -2.81
N VAL B 289 16.95 37.17 -2.58
CA VAL B 289 15.62 36.62 -2.89
C VAL B 289 15.54 36.35 -4.41
N GLN B 290 16.00 37.28 -5.25
CA GLN B 290 16.00 37.14 -6.69
C GLN B 290 16.80 35.90 -7.12
N GLU B 291 18.03 35.73 -6.56
CA GLU B 291 18.90 34.57 -6.85
C GLU B 291 18.24 33.25 -6.39
N ALA B 292 17.62 33.25 -5.18
CA ALA B 292 16.93 32.10 -4.60
C ALA B 292 15.71 31.66 -5.43
N LEU B 293 14.96 32.64 -5.97
CA LEU B 293 13.80 32.41 -6.87
C LEU B 293 14.26 31.65 -8.11
N ARG B 294 15.34 32.17 -8.74
CA ARG B 294 15.93 31.63 -9.96
C ARG B 294 16.44 30.22 -9.74
N PHE B 295 17.19 30.01 -8.64
CA PHE B 295 17.73 28.71 -8.23
C PHE B 295 16.57 27.69 -7.99
N GLY B 296 15.52 28.13 -7.27
CA GLY B 296 14.31 27.35 -7.03
C GLY B 296 13.67 26.84 -8.31
N CYS B 297 13.51 27.75 -9.33
CA CYS B 297 12.96 27.43 -10.65
C CYS B 297 13.90 26.50 -11.44
N GLN B 298 15.22 26.72 -11.36
CA GLN B 298 16.19 25.87 -12.04
C GLN B 298 16.14 24.42 -11.53
N VAL B 299 16.13 24.21 -10.21
CA VAL B 299 16.12 22.87 -9.61
C VAL B 299 14.77 22.20 -9.83
N ALA B 300 13.66 22.93 -9.67
CA ALA B 300 12.30 22.42 -9.91
C ALA B 300 12.16 21.94 -11.38
N GLY B 301 12.72 22.72 -12.32
CA GLY B 301 12.72 22.41 -13.74
C GLY B 301 13.53 21.19 -14.11
N LYS B 302 14.73 21.09 -13.50
CA LYS B 302 15.63 19.94 -13.65
C LYS B 302 14.92 18.67 -13.12
N LYS B 303 14.25 18.76 -11.98
CA LYS B 303 13.54 17.62 -11.37
C LYS B 303 12.40 17.08 -12.29
N CYS B 304 11.66 17.99 -12.96
CA CYS B 304 10.56 17.66 -13.85
C CYS B 304 10.97 16.74 -15.04
N GLY B 305 12.22 16.82 -15.48
CA GLY B 305 12.75 15.95 -16.52
C GLY B 305 13.35 14.65 -16.02
N LEU B 306 13.23 14.36 -14.70
CA LEU B 306 13.79 13.19 -14.03
C LEU B 306 12.71 12.41 -13.33
N GLN B 307 12.91 11.09 -13.18
CA GLN B 307 12.02 10.26 -12.38
C GLN B 307 12.61 10.29 -10.95
N GLY B 308 11.80 10.78 -10.01
CA GLY B 308 12.20 10.94 -8.62
C GLY B 308 13.14 12.12 -8.43
N PHE B 309 14.05 11.99 -7.44
CA PHE B 309 14.97 13.05 -7.07
C PHE B 309 16.44 12.82 -7.46
N ASP B 310 16.80 11.63 -7.93
CA ASP B 310 18.18 11.37 -8.34
C ASP B 310 18.57 12.13 -9.59
N GLY B 311 19.71 12.80 -9.50
CA GLY B 311 20.25 13.58 -10.60
C GLY B 311 19.84 15.04 -10.62
N ILE B 312 19.13 15.54 -9.56
CA ILE B 312 18.69 16.96 -9.50
C ILE B 312 19.87 17.92 -9.34
N VAL B 313 20.98 17.45 -8.73
CA VAL B 313 22.23 18.20 -8.53
C VAL B 313 23.37 17.45 -9.23
#